data_7I9R
#
_entry.id   7I9R
#
_cell.length_a   42.641
_cell.length_b   42.641
_cell.length_c   216.343
_cell.angle_alpha   90.000
_cell.angle_beta   90.000
_cell.angle_gamma   90.000
#
_symmetry.space_group_name_H-M   'P 43 2 2'
#
loop_
_entity.id
_entity.type
_entity.pdbx_description
1 polymer 'Serine protease subunit NS2B'
2 polymer 'Serine protease NS3'
3 non-polymer 'DIMETHYL SULFOXIDE'
4 non-polymer (2R)-2-(6-chloro-1H-indazol-4-yl)-2-[(2,3-dihydro-1H-isoindol-5-yl)amino]-N-(propan-2-yl)acetamide
5 water water
#
loop_
_entity_poly.entity_id
_entity_poly.type
_entity_poly.pdbx_seq_one_letter_code
_entity_poly.pdbx_strand_id
1 'polypeptide(L)' SMGKSVDMYIERAGDITWEKDAEVTGNSPRLDVALDESGDFSLVEE A
2 'polypeptide(L)'
;MKEVKKGETTDGVYRVMTRRLLGSTQVGVGVMQEGVFHTMWHVTKGAALRSGEGRLDPYWGDVKQDLVSYCGPWKLDAAW
DGLSEVQLLAVPPGERAKNIQTLPGIFKTKDGDIGAVALDYPAGTSGSPILDKCGRVIGLYGNGVVIKNGSYVSAITQGK
REEETPVE
;
B
#
loop_
_chem_comp.id
_chem_comp.type
_chem_comp.name
_chem_comp.formula
A1B9M non-polymer (2R)-2-(6-chloro-1H-indazol-4-yl)-2-[(2,3-dihydro-1H-isoindol-5-yl)amino]-N-(propan-2-yl)acetamide 'C20 H22 Cl N5 O'
DMS non-polymer 'DIMETHYL SULFOXIDE' 'C2 H6 O S'
#
# COMPACT_ATOMS: atom_id res chain seq x y z
N ASP A 7 16.93 -5.87 11.42
CA ASP A 7 16.56 -6.87 10.42
C ASP A 7 15.05 -6.99 10.38
N MET A 8 14.49 -6.91 9.17
CA MET A 8 13.05 -6.95 9.00
C MET A 8 12.49 -8.35 8.77
N TYR A 9 11.19 -8.51 9.10
CA TYR A 9 10.48 -9.78 8.97
C TYR A 9 8.99 -9.57 8.68
N ILE A 10 8.34 -10.60 8.12
CA ILE A 10 6.91 -10.52 7.81
C ILE A 10 6.08 -11.50 8.66
N GLU A 11 4.87 -11.07 9.04
CA GLU A 11 3.88 -11.83 9.81
C GLU A 11 2.55 -11.72 9.09
N ARG A 12 1.85 -12.83 8.85
CA ARG A 12 0.55 -12.75 8.16
C ARG A 12 -0.48 -11.97 8.97
N ALA A 13 -1.31 -11.18 8.28
CA ALA A 13 -2.33 -10.37 8.95
C ALA A 13 -3.77 -10.65 8.53
N GLY A 14 -3.96 -11.37 7.44
CA GLY A 14 -5.29 -11.72 6.98
C GLY A 14 -5.35 -12.15 5.53
N ASP A 15 -6.58 -12.35 5.03
CA ASP A 15 -6.85 -12.75 3.64
C ASP A 15 -7.25 -11.51 2.87
N ILE A 16 -6.99 -11.49 1.57
CA ILE A 16 -7.40 -10.36 0.74
C ILE A 16 -8.76 -10.66 0.10
N THR A 17 -9.81 -10.07 0.69
CA THR A 17 -11.21 -10.28 0.33
C THR A 17 -12.03 -9.01 0.61
N TRP A 18 -13.04 -8.74 -0.23
CA TRP A 18 -13.92 -7.60 -0.04
C TRP A 18 -14.96 -7.98 1.03
N GLU A 19 -15.12 -7.14 2.05
CA GLU A 19 -16.10 -7.38 3.11
C GLU A 19 -17.38 -6.63 2.77
N LYS A 20 -18.47 -7.35 2.47
CA LYS A 20 -19.76 -6.69 2.19
C LYS A 20 -20.25 -6.06 3.49
N ASP A 21 -20.78 -4.84 3.42
CA ASP A 21 -21.25 -4.12 4.60
C ASP A 21 -20.12 -3.89 5.61
N ALA A 22 -19.21 -2.97 5.27
CA ALA A 22 -18.06 -2.57 6.09
C ALA A 22 -18.16 -1.02 6.36
N GLU A 23 -17.25 -0.43 7.17
CA GLU A 23 -17.32 1.02 7.44
C GLU A 23 -17.15 1.88 6.17
N VAL A 24 -18.21 2.58 5.75
CA VAL A 24 -18.18 3.45 4.57
C VAL A 24 -17.87 4.87 5.02
N THR A 25 -16.61 5.31 4.87
CA THR A 25 -16.19 6.65 5.30
C THR A 25 -15.14 7.26 4.37
N GLY A 26 -14.95 8.57 4.48
CA GLY A 26 -13.95 9.26 3.67
C GLY A 26 -14.48 10.02 2.49
N ASN A 27 -13.86 11.15 2.20
CA ASN A 27 -14.20 12.02 1.08
C ASN A 27 -13.37 11.67 -0.19
N SER A 28 -13.73 12.24 -1.35
CA SER A 28 -13.05 12.02 -2.62
C SER A 28 -12.65 13.35 -3.27
N PRO A 29 -11.48 13.89 -2.88
CA PRO A 29 -11.08 15.20 -3.40
C PRO A 29 -10.32 15.19 -4.72
N ARG A 30 -10.30 16.32 -5.43
CA ARG A 30 -9.54 16.50 -6.68
C ARG A 30 -8.33 17.39 -6.39
N LEU A 31 -7.20 16.78 -6.04
CA LEU A 31 -5.98 17.50 -5.70
C LEU A 31 -5.02 17.62 -6.88
N ASP A 32 -4.36 18.78 -7.02
CA ASP A 32 -3.37 19.02 -8.05
C ASP A 32 -2.02 18.69 -7.43
N VAL A 33 -1.31 17.64 -7.90
CA VAL A 33 -0.06 17.22 -7.26
C VAL A 33 1.15 17.13 -8.24
N ALA A 34 2.38 17.04 -7.68
CA ALA A 34 3.64 16.90 -8.44
C ALA A 34 4.49 15.78 -7.86
N LEU A 35 4.86 14.79 -8.68
CA LEU A 35 5.70 13.67 -8.22
C LEU A 35 7.16 13.92 -8.56
N ASP A 36 8.00 14.09 -7.54
CA ASP A 36 9.41 14.36 -7.78
C ASP A 36 10.21 13.06 -8.03
N GLU A 37 11.50 13.20 -8.38
CA GLU A 37 12.40 12.08 -8.63
C GLU A 37 12.59 11.20 -7.40
N SER A 38 12.46 11.76 -6.20
CA SER A 38 12.58 11.01 -4.97
C SER A 38 11.29 10.28 -4.56
N GLY A 39 10.28 10.24 -5.44
CA GLY A 39 9.03 9.55 -5.18
C GLY A 39 8.09 10.25 -4.21
N ASP A 40 8.36 11.52 -3.90
CA ASP A 40 7.58 12.33 -2.97
C ASP A 40 6.50 13.16 -3.69
N PHE A 41 5.30 13.20 -3.13
CA PHE A 41 4.21 13.99 -3.69
C PHE A 41 4.16 15.34 -3.01
N SER A 42 3.72 16.35 -3.76
CA SER A 42 3.60 17.70 -3.21
C SER A 42 2.44 18.43 -3.88
N LEU A 43 1.74 19.29 -3.13
CA LEU A 43 0.61 20.02 -3.68
C LEU A 43 1.05 21.16 -4.59
N VAL A 44 0.27 21.40 -5.64
CA VAL A 44 0.51 22.46 -6.60
C VAL A 44 -0.69 23.41 -6.57
N GLU A 45 -0.45 24.71 -6.39
CA GLU A 45 -1.55 25.69 -6.38
C GLU A 45 -1.25 26.86 -7.33
N GLY B 7 10.07 -19.55 3.81
CA GLY B 7 9.17 -20.02 4.85
C GLY B 7 7.70 -19.94 4.48
N GLU B 8 6.96 -18.97 5.07
CA GLU B 8 5.55 -18.80 4.74
C GLU B 8 5.36 -18.04 3.44
N THR B 9 4.70 -18.68 2.47
N THR B 9 4.70 -18.68 2.47
CA THR B 9 4.45 -18.05 1.17
CA THR B 9 4.46 -18.06 1.18
C THR B 9 2.99 -18.08 0.78
C THR B 9 2.99 -18.08 0.78
N THR B 10 2.08 -18.06 1.78
CA THR B 10 0.63 -18.07 1.55
C THR B 10 0.17 -16.71 1.01
N ASP B 11 -0.78 -16.71 0.06
CA ASP B 11 -1.33 -15.47 -0.46
C ASP B 11 -2.08 -14.74 0.67
N GLY B 12 -1.98 -13.43 0.72
CA GLY B 12 -2.65 -12.63 1.74
C GLY B 12 -1.93 -11.33 2.04
N VAL B 13 -2.37 -10.64 3.10
CA VAL B 13 -1.77 -9.39 3.54
C VAL B 13 -0.85 -9.69 4.73
N TYR B 14 0.33 -9.04 4.78
CA TYR B 14 1.33 -9.28 5.82
C TYR B 14 1.77 -7.97 6.45
N ARG B 15 2.27 -8.03 7.68
CA ARG B 15 2.84 -6.87 8.35
C ARG B 15 4.35 -6.92 8.11
N VAL B 16 5.00 -5.76 8.03
CA VAL B 16 6.45 -5.70 7.88
C VAL B 16 6.96 -5.15 9.21
N MET B 17 7.68 -5.98 9.98
CA MET B 17 8.14 -5.62 11.31
C MET B 17 9.66 -5.45 11.40
N THR B 18 10.14 -4.84 12.48
CA THR B 18 11.57 -4.69 12.74
C THR B 18 11.90 -4.84 14.22
N ARG B 19 13.13 -5.26 14.50
CA ARG B 19 13.59 -5.41 15.87
C ARG B 19 14.71 -4.41 16.24
N ARG B 20 15.19 -3.59 15.28
CA ARG B 20 16.26 -2.60 15.52
C ARG B 20 15.85 -1.47 16.50
N LEU B 21 14.54 -1.24 16.64
CA LEU B 21 14.03 -0.24 17.56
C LEU B 21 13.54 -0.89 18.88
N LEU B 22 12.91 -0.12 19.79
CA LEU B 22 12.44 -0.66 21.06
C LEU B 22 11.31 -1.66 20.80
N GLY B 23 11.44 -2.85 21.36
CA GLY B 23 10.47 -3.92 21.17
C GLY B 23 10.34 -4.32 19.72
N SER B 24 9.11 -4.52 19.27
CA SER B 24 8.85 -4.87 17.88
C SER B 24 8.02 -3.75 17.27
N THR B 25 8.45 -3.21 16.12
CA THR B 25 7.76 -2.09 15.49
C THR B 25 7.31 -2.44 14.08
N GLN B 26 6.06 -2.10 13.72
CA GLN B 26 5.56 -2.33 12.38
C GLN B 26 5.90 -1.11 11.49
N VAL B 27 6.81 -1.29 10.52
CA VAL B 27 7.24 -0.24 9.60
C VAL B 27 6.30 -0.04 8.39
N GLY B 28 5.57 -1.10 8.04
CA GLY B 28 4.65 -1.08 6.93
C GLY B 28 3.87 -2.38 6.83
N VAL B 29 3.25 -2.60 5.67
CA VAL B 29 2.38 -3.73 5.31
C VAL B 29 2.75 -4.18 3.86
N GLY B 30 2.28 -5.36 3.45
CA GLY B 30 2.52 -5.86 2.09
C GLY B 30 1.53 -6.91 1.61
N VAL B 31 1.61 -7.25 0.32
CA VAL B 31 0.73 -8.23 -0.31
C VAL B 31 1.51 -9.40 -0.89
N MET B 32 1.24 -10.61 -0.41
CA MET B 32 1.85 -11.80 -0.99
C MET B 32 0.85 -12.33 -2.00
N GLN B 33 1.29 -12.56 -3.23
CA GLN B 33 0.44 -13.06 -4.30
C GLN B 33 1.30 -13.73 -5.34
N GLU B 34 0.93 -14.95 -5.75
CA GLU B 34 1.67 -15.69 -6.76
C GLU B 34 3.16 -15.91 -6.40
N GLY B 35 3.44 -16.15 -5.12
CA GLY B 35 4.81 -16.36 -4.66
C GLY B 35 5.66 -15.11 -4.54
N VAL B 36 5.06 -13.91 -4.79
CA VAL B 36 5.74 -12.60 -4.75
C VAL B 36 5.20 -11.66 -3.66
N PHE B 37 6.11 -11.07 -2.87
CA PHE B 37 5.75 -10.12 -1.82
C PHE B 37 5.91 -8.66 -2.30
N HIS B 38 4.78 -7.97 -2.49
CA HIS B 38 4.72 -6.59 -2.99
C HIS B 38 4.59 -5.65 -1.83
N THR B 39 5.39 -4.58 -1.80
CA THR B 39 5.29 -3.54 -0.78
C THR B 39 5.78 -2.18 -1.33
N MET B 40 5.71 -1.12 -0.50
CA MET B 40 6.17 0.22 -0.79
C MET B 40 7.66 0.29 -0.47
N TRP B 41 8.43 0.95 -1.33
CA TRP B 41 9.88 1.07 -1.20
CA TRP B 41 9.87 1.09 -1.20
C TRP B 41 10.30 1.77 0.10
N HIS B 42 9.66 2.89 0.45
CA HIS B 42 10.03 3.64 1.64
C HIS B 42 9.98 2.83 2.94
N VAL B 43 9.19 1.73 2.98
CA VAL B 43 9.00 0.85 4.13
C VAL B 43 10.28 0.04 4.45
N THR B 44 10.83 -0.65 3.44
CA THR B 44 12.00 -1.53 3.58
C THR B 44 13.32 -0.88 3.16
N LYS B 45 13.25 0.05 2.22
CA LYS B 45 14.40 0.70 1.57
C LYS B 45 15.17 -0.31 0.66
N GLY B 46 14.47 -1.36 0.21
CA GLY B 46 15.04 -2.41 -0.63
C GLY B 46 15.81 -3.47 0.12
N ALA B 47 15.70 -3.48 1.45
CA ALA B 47 16.41 -4.45 2.29
C ALA B 47 15.74 -5.83 2.23
N ALA B 48 16.52 -6.90 2.50
CA ALA B 48 16.00 -8.26 2.49
C ALA B 48 15.07 -8.52 3.66
N LEU B 49 14.03 -9.34 3.46
CA LEU B 49 13.05 -9.66 4.49
C LEU B 49 13.20 -11.10 4.98
N ARG B 50 12.62 -11.44 6.12
CA ARG B 50 12.72 -12.78 6.69
C ARG B 50 11.30 -13.29 6.98
N SER B 51 10.94 -14.46 6.45
CA SER B 51 9.60 -15.01 6.68
C SER B 51 9.78 -16.30 7.44
N GLY B 52 9.68 -16.24 8.75
CA GLY B 52 9.92 -17.40 9.60
C GLY B 52 11.42 -17.59 9.62
N GLU B 53 11.88 -18.74 9.14
CA GLU B 53 13.31 -18.96 8.98
C GLU B 53 13.78 -18.74 7.50
N GLY B 54 12.82 -18.62 6.58
CA GLY B 54 13.09 -18.35 5.17
C GLY B 54 13.48 -16.91 4.94
N ARG B 55 14.12 -16.61 3.81
CA ARG B 55 14.57 -15.26 3.50
C ARG B 55 14.04 -14.80 2.15
N LEU B 56 13.37 -13.64 2.12
CA LEU B 56 12.88 -13.04 0.87
C LEU B 56 13.91 -12.01 0.42
N ASP B 57 14.26 -12.02 -0.86
CA ASP B 57 15.21 -11.05 -1.40
C ASP B 57 14.53 -10.13 -2.41
N PRO B 58 14.95 -8.85 -2.51
CA PRO B 58 14.34 -7.97 -3.51
C PRO B 58 14.60 -8.46 -4.92
N TYR B 59 13.66 -8.23 -5.84
CA TYR B 59 13.77 -8.65 -7.23
C TYR B 59 13.67 -7.42 -8.14
N TRP B 60 12.66 -6.58 -7.92
CA TRP B 60 12.44 -5.35 -8.67
C TRP B 60 12.11 -4.21 -7.68
N GLY B 61 12.53 -3.01 -8.02
CA GLY B 61 12.25 -1.84 -7.19
C GLY B 61 12.45 -0.54 -7.93
N ASP B 62 11.77 0.52 -7.49
CA ASP B 62 11.87 1.86 -8.10
C ASP B 62 11.45 2.93 -7.08
N VAL B 63 12.35 3.84 -6.72
CA VAL B 63 12.11 4.91 -5.74
C VAL B 63 11.01 5.88 -6.19
N LYS B 64 10.95 6.27 -7.48
CA LYS B 64 9.92 7.21 -7.95
C LYS B 64 8.52 6.61 -7.85
N GLN B 65 8.34 5.37 -8.33
CA GLN B 65 7.06 4.67 -8.19
C GLN B 65 6.77 4.32 -6.70
N ASP B 66 7.82 4.24 -5.88
CA ASP B 66 7.79 3.90 -4.46
C ASP B 66 7.26 2.50 -4.27
N LEU B 67 7.73 1.55 -5.12
CA LEU B 67 7.31 0.14 -5.03
C LEU B 67 8.50 -0.79 -5.06
N VAL B 68 8.37 -1.99 -4.46
CA VAL B 68 9.38 -3.04 -4.40
C VAL B 68 8.73 -4.44 -4.29
N SER B 69 9.25 -5.44 -5.07
CA SER B 69 8.73 -6.81 -5.06
C SER B 69 9.83 -7.83 -4.71
N TYR B 70 9.50 -8.81 -3.87
CA TYR B 70 10.41 -9.84 -3.38
C TYR B 70 10.08 -11.22 -3.99
N CYS B 71 11.12 -11.99 -4.38
CA CYS B 71 10.99 -13.35 -4.94
C CYS B 71 10.65 -13.38 -6.45
N GLY B 72 10.06 -12.31 -6.96
CA GLY B 72 9.72 -12.27 -8.38
C GLY B 72 9.28 -10.91 -8.87
N PRO B 73 8.89 -10.82 -10.15
CA PRO B 73 8.43 -9.54 -10.69
C PRO B 73 7.06 -9.11 -10.13
N TRP B 74 6.72 -7.81 -10.25
CA TRP B 74 5.43 -7.28 -9.78
C TRP B 74 4.29 -8.01 -10.48
N LYS B 75 3.35 -8.61 -9.68
CA LYS B 75 2.23 -9.46 -10.15
C LYS B 75 0.83 -8.79 -10.11
N LEU B 76 0.64 -7.77 -9.26
CA LEU B 76 -0.67 -7.12 -9.13
C LEU B 76 -0.91 -6.19 -10.33
N ASP B 77 -2.05 -6.34 -11.03
CA ASP B 77 -2.29 -5.56 -12.24
C ASP B 77 -3.73 -4.98 -12.39
N ALA B 78 -4.65 -5.27 -11.46
CA ALA B 78 -6.01 -4.71 -11.54
C ALA B 78 -5.99 -3.17 -11.37
N ALA B 79 -6.95 -2.48 -12.01
CA ALA B 79 -6.98 -1.02 -11.93
C ALA B 79 -8.32 -0.47 -11.49
N TRP B 80 -8.31 0.69 -10.79
CA TRP B 80 -9.55 1.35 -10.37
C TRP B 80 -10.24 1.87 -11.62
N ASP B 81 -11.55 1.66 -11.72
CA ASP B 81 -12.32 2.05 -12.90
C ASP B 81 -12.67 3.54 -13.00
N GLY B 82 -12.35 4.32 -11.97
CA GLY B 82 -12.67 5.73 -11.93
C GLY B 82 -14.08 6.04 -11.46
N LEU B 83 -14.93 5.00 -11.29
CA LEU B 83 -16.30 5.17 -10.89
C LEU B 83 -16.68 4.49 -9.58
N SER B 84 -16.35 3.20 -9.42
CA SER B 84 -16.74 2.41 -8.25
C SER B 84 -16.08 2.77 -6.93
N GLU B 85 -16.76 2.47 -5.83
CA GLU B 85 -16.20 2.60 -4.50
C GLU B 85 -15.23 1.42 -4.32
N VAL B 86 -14.20 1.63 -3.53
CA VAL B 86 -13.17 0.63 -3.27
C VAL B 86 -13.06 0.38 -1.74
N GLN B 87 -12.21 -0.57 -1.31
CA GLN B 87 -12.02 -0.83 0.10
C GLN B 87 -10.53 -0.80 0.45
N LEU B 88 -10.16 -0.07 1.51
CA LEU B 88 -8.78 -0.07 2.00
C LEU B 88 -8.71 -1.20 3.05
N LEU B 89 -7.89 -2.24 2.80
CA LEU B 89 -7.73 -3.29 3.80
C LEU B 89 -6.60 -2.81 4.70
N ALA B 90 -6.94 -1.95 5.66
CA ALA B 90 -5.94 -1.36 6.54
C ALA B 90 -5.49 -2.31 7.61
N VAL B 91 -4.17 -2.50 7.73
CA VAL B 91 -3.58 -3.32 8.76
C VAL B 91 -2.77 -2.35 9.63
N PRO B 92 -3.41 -1.71 10.62
CA PRO B 92 -2.69 -0.70 11.41
C PRO B 92 -1.77 -1.29 12.47
N PRO B 93 -0.71 -0.58 12.84
CA PRO B 93 0.22 -1.13 13.85
C PRO B 93 -0.46 -1.57 15.15
N GLY B 94 -0.32 -2.86 15.46
CA GLY B 94 -0.87 -3.43 16.69
C GLY B 94 -2.36 -3.73 16.70
N GLU B 95 -3.07 -3.29 15.67
CA GLU B 95 -4.51 -3.51 15.58
C GLU B 95 -4.84 -4.47 14.45
N ARG B 96 -5.98 -5.16 14.55
CA ARG B 96 -6.45 -6.12 13.55
C ARG B 96 -6.74 -5.50 12.18
N ALA B 97 -6.59 -6.29 11.09
CA ALA B 97 -6.90 -5.92 9.72
C ALA B 97 -8.38 -5.49 9.64
N LYS B 98 -8.69 -4.42 8.89
CA LYS B 98 -10.04 -3.88 8.85
C LYS B 98 -10.41 -3.24 7.50
N ASN B 99 -11.49 -3.72 6.85
CA ASN B 99 -11.89 -3.18 5.54
C ASN B 99 -12.63 -1.85 5.68
N ILE B 100 -12.07 -0.78 5.14
CA ILE B 100 -12.72 0.54 5.18
C ILE B 100 -13.06 0.97 3.78
N GLN B 101 -14.35 0.92 3.46
CA GLN B 101 -14.84 1.26 2.14
C GLN B 101 -14.95 2.77 1.92
N THR B 102 -14.48 3.24 0.76
CA THR B 102 -14.49 4.65 0.41
C THR B 102 -14.58 4.84 -1.10
N LEU B 103 -14.92 6.06 -1.57
CA LEU B 103 -14.91 6.34 -3.00
C LEU B 103 -13.68 7.19 -3.25
N PRO B 104 -12.78 6.77 -4.15
CA PRO B 104 -11.56 7.54 -4.36
C PRO B 104 -11.72 8.88 -5.10
N GLY B 105 -10.79 9.77 -4.79
CA GLY B 105 -10.65 11.06 -5.42
C GLY B 105 -9.65 10.99 -6.55
N ILE B 106 -9.06 12.12 -6.91
CA ILE B 106 -8.15 12.20 -8.05
C ILE B 106 -6.91 13.02 -7.71
N PHE B 107 -5.75 12.57 -8.19
CA PHE B 107 -4.49 13.28 -8.11
C PHE B 107 -4.22 13.71 -9.54
N LYS B 108 -4.22 15.02 -9.80
CA LYS B 108 -3.95 15.52 -11.14
C LYS B 108 -2.47 15.86 -11.25
N THR B 109 -1.74 15.07 -12.04
CA THR B 109 -0.31 15.28 -12.29
C THR B 109 -0.09 15.75 -13.75
N LYS B 110 1.12 16.20 -14.08
CA LYS B 110 1.44 16.59 -15.46
C LYS B 110 1.45 15.35 -16.42
N ASP B 111 1.58 14.12 -15.86
CA ASP B 111 1.63 12.87 -16.60
C ASP B 111 0.31 12.08 -16.61
N GLY B 112 -0.75 12.62 -16.00
CA GLY B 112 -2.04 11.93 -15.98
C GLY B 112 -2.65 11.81 -14.62
N ASP B 113 -3.95 11.48 -14.56
CA ASP B 113 -4.64 11.35 -13.28
C ASP B 113 -4.48 9.96 -12.62
N ILE B 114 -4.33 9.96 -11.29
CA ILE B 114 -4.17 8.76 -10.48
C ILE B 114 -5.28 8.78 -9.41
N GLY B 115 -5.77 7.62 -9.03
CA GLY B 115 -6.75 7.53 -7.95
C GLY B 115 -6.17 7.95 -6.62
N ALA B 116 -7.02 8.30 -5.65
CA ALA B 116 -6.55 8.72 -4.34
C ALA B 116 -7.52 8.35 -3.24
N VAL B 117 -7.06 7.82 -2.11
CA VAL B 117 -7.97 7.53 -1.00
C VAL B 117 -7.69 8.49 0.16
N ALA B 118 -8.75 9.19 0.63
CA ALA B 118 -8.60 10.17 1.71
C ALA B 118 -8.92 9.56 3.08
N LEU B 119 -8.16 8.52 3.45
CA LEU B 119 -8.31 7.86 4.73
C LEU B 119 -7.06 8.14 5.59
N ASP B 120 -7.24 8.25 6.92
CA ASP B 120 -6.12 8.59 7.80
C ASP B 120 -5.63 7.48 8.72
N TYR B 121 -4.42 7.00 8.48
CA TYR B 121 -3.83 5.92 9.24
C TYR B 121 -2.38 6.20 9.58
N PRO B 122 -1.86 5.59 10.67
CA PRO B 122 -0.44 5.80 11.01
C PRO B 122 0.48 5.32 9.91
N ALA B 123 1.68 5.92 9.83
CA ALA B 123 2.72 5.62 8.84
C ALA B 123 3.04 4.13 8.70
N GLY B 124 2.87 3.36 9.79
CA GLY B 124 3.11 1.92 9.80
C GLY B 124 2.10 1.09 9.03
N THR B 125 1.06 1.74 8.52
CA THR B 125 0.03 1.09 7.70
C THR B 125 0.42 1.10 6.20
N SER B 126 1.53 1.81 5.82
CA SER B 126 2.04 1.96 4.45
C SER B 126 2.21 0.62 3.79
N GLY B 127 1.50 0.38 2.71
CA GLY B 127 1.59 -0.87 1.97
C GLY B 127 0.33 -1.70 1.98
N SER B 128 -0.74 -1.21 2.64
CA SER B 128 -2.03 -1.86 2.75
C SER B 128 -2.74 -1.90 1.41
N PRO B 129 -3.24 -3.06 0.98
CA PRO B 129 -3.91 -3.14 -0.33
C PRO B 129 -5.26 -2.41 -0.46
N ILE B 130 -5.49 -1.82 -1.63
CA ILE B 130 -6.75 -1.20 -2.00
C ILE B 130 -7.46 -2.21 -2.91
N LEU B 131 -8.71 -2.56 -2.60
CA LEU B 131 -9.42 -3.63 -3.31
C LEU B 131 -10.62 -3.14 -4.11
N ASP B 132 -11.07 -3.96 -5.08
CA ASP B 132 -12.28 -3.66 -5.83
C ASP B 132 -13.40 -4.66 -5.46
N LYS B 133 -14.62 -4.49 -6.00
CA LYS B 133 -15.76 -5.39 -5.71
C LYS B 133 -15.49 -6.88 -6.07
N CYS B 134 -14.48 -7.13 -6.91
CA CYS B 134 -14.06 -8.48 -7.31
C CYS B 134 -13.09 -9.11 -6.31
N GLY B 135 -12.39 -8.29 -5.51
CA GLY B 135 -11.38 -8.72 -4.55
C GLY B 135 -9.95 -8.57 -5.06
N ARG B 136 -9.78 -7.93 -6.23
CA ARG B 136 -8.49 -7.74 -6.88
C ARG B 136 -7.76 -6.51 -6.35
N VAL B 137 -6.44 -6.65 -6.07
CA VAL B 137 -5.63 -5.56 -5.51
C VAL B 137 -5.33 -4.55 -6.59
N ILE B 138 -6.00 -3.40 -6.52
CA ILE B 138 -5.84 -2.33 -7.51
C ILE B 138 -4.74 -1.30 -7.14
N GLY B 139 -4.00 -1.54 -6.07
CA GLY B 139 -2.93 -0.64 -5.65
C GLY B 139 -2.58 -0.73 -4.18
N LEU B 140 -1.57 0.04 -3.75
CA LEU B 140 -1.12 0.08 -2.36
C LEU B 140 -1.32 1.47 -1.80
N TYR B 141 -1.68 1.54 -0.52
CA TYR B 141 -1.93 2.79 0.20
C TYR B 141 -0.69 3.12 1.03
N GLY B 142 -0.25 4.37 1.05
CA GLY B 142 0.90 4.75 1.87
C GLY B 142 1.86 5.76 1.27
N ASN B 143 1.58 6.22 0.04
CA ASN B 143 2.40 7.27 -0.57
C ASN B 143 1.48 8.38 -1.04
N GLY B 144 1.54 9.52 -0.38
CA GLY B 144 0.68 10.63 -0.73
C GLY B 144 1.08 11.99 -0.23
N VAL B 145 0.07 12.80 0.11
CA VAL B 145 0.27 14.17 0.52
C VAL B 145 -0.62 14.56 1.71
N VAL B 146 -0.20 15.60 2.47
CA VAL B 146 -0.96 16.15 3.59
C VAL B 146 -1.55 17.48 3.12
N ILE B 147 -2.87 17.64 3.26
CA ILE B 147 -3.55 18.82 2.77
C ILE B 147 -3.80 19.88 3.88
N LYS B 148 -4.36 21.05 3.51
CA LYS B 148 -4.68 22.19 4.38
C LYS B 148 -5.04 21.85 5.82
N ASN B 149 -6.00 20.92 6.05
CA ASN B 149 -6.47 20.63 7.40
C ASN B 149 -5.70 19.51 8.12
N GLY B 150 -4.47 19.24 7.69
CA GLY B 150 -3.64 18.23 8.33
C GLY B 150 -3.99 16.79 8.02
N SER B 151 -5.09 16.56 7.28
CA SER B 151 -5.50 15.21 6.92
CA SER B 151 -5.50 15.21 6.93
C SER B 151 -4.58 14.63 5.85
N TYR B 152 -4.50 13.31 5.79
CA TYR B 152 -3.64 12.62 4.85
C TYR B 152 -4.41 11.97 3.70
N VAL B 153 -3.93 12.17 2.48
CA VAL B 153 -4.55 11.63 1.27
C VAL B 153 -3.48 10.87 0.54
N SER B 154 -3.67 9.57 0.35
CA SER B 154 -2.67 8.74 -0.34
C SER B 154 -3.09 8.47 -1.77
N ALA B 155 -2.12 8.22 -2.63
CA ALA B 155 -2.40 7.84 -4.01
C ALA B 155 -2.76 6.32 -4.07
N ILE B 156 -3.31 5.84 -5.19
CA ILE B 156 -3.55 4.42 -5.37
C ILE B 156 -2.39 3.98 -6.24
N THR B 157 -1.28 3.61 -5.58
CA THR B 157 -0.05 3.23 -6.26
C THR B 157 -0.09 1.82 -6.81
N GLN B 158 -0.06 1.68 -8.14
CA GLN B 158 -0.04 0.36 -8.76
C GLN B 158 1.19 0.15 -9.67
N GLY B 159 1.84 -1.00 -9.54
CA GLY B 159 2.98 -1.34 -10.37
C GLY B 159 2.57 -1.88 -11.73
N LYS B 160 3.55 -2.09 -12.61
CA LYS B 160 3.30 -2.62 -13.96
C LYS B 160 3.65 -4.11 -14.03
N ARG B 161 2.78 -4.94 -14.63
CA ARG B 161 3.08 -6.37 -14.78
C ARG B 161 3.89 -6.64 -16.08
N GLU B 162 4.43 -7.86 -16.26
CA GLU B 162 5.19 -8.18 -17.46
C GLU B 162 4.47 -9.21 -18.35
S DMS C . 19.67 -1.35 2.04
O DMS C . 18.99 -1.89 0.80
C1 DMS C . 20.24 -2.76 3.02
C2 DMS C . 18.40 -0.79 3.21
N1 A1B9M D . 4.10 10.82 2.78
N3 A1B9M D . 9.95 9.12 0.61
C4 A1B9M D . 3.64 9.59 3.06
C5 A1B9M D . 4.24 8.94 4.31
C6 A1B9M D . 6.11 8.01 2.94
C7 A1B9M D . 5.65 7.83 1.63
C8 A1B9M D . 6.50 7.97 0.55
C10 A1B9M D . 8.31 8.41 2.08
C13 A1B9M D . 8.96 8.41 -0.19
C15 A1B9M D . 2.37 7.36 5.08
C17 A1B9M D . 0.73 8.01 6.75
C20 A1B9M D . 2.55 9.52 6.12
C1 A1B9M D . 5.84 12.20 3.77
C2 A1B9M D . 4.37 11.84 3.78
C3 A1B9M D . 3.48 13.04 3.51
O1 A1B9M D . 2.85 9.00 2.34
N2 A1B9M D . 5.21 7.90 4.00
C9 A1B9M D . 7.84 8.27 0.78
C11 A1B9M D . 7.46 8.31 3.17
C12 A1B9M D . 9.78 8.71 2.02
C14 A1B9M D . 3.07 8.56 5.22
C16 A1B9M D . 1.23 7.10 5.84
CL1 A1B9M D . 0.40 5.58 5.67
C18 A1B9M D . 1.40 9.22 6.87
N4 A1B9M D . 1.14 10.30 7.65
N5 A1B9M D . 2.05 11.29 7.44
C19 A1B9M D . 2.89 10.84 6.51
#